data_5MUI
#
_entry.id   5MUI
#
_cell.length_a   50.180
_cell.length_b   80.740
_cell.length_c   51.410
_cell.angle_alpha   90.00
_cell.angle_beta   114.99
_cell.angle_gamma   90.00
#
_symmetry.space_group_name_H-M   'P 1 21 1'
#
loop_
_entity.id
_entity.type
_entity.pdbx_description
1 polymer Beta-galactosidase
2 branched 'beta-L-arabinofuranose-(1-2)-alpha-L-rhamnopyranose-(1-2)-[alpha-L-rhamnopyranose-(1-3)]alpha-L-arabinopyranose-(1-4)-[4-O-[(1R)-1-hydroxyethyl]-2-O-methyl-alpha-L-fucopyranose-(1-2)]beta-D-galactopyranose-(1-2)-alpha-D-aceric acid-(1-3)-alpha-L-rhamnopyranose'
3 water water
#
_entity_poly.entity_id   1
_entity_poly.type   'polypeptide(L)'
_entity_poly.pdbx_seq_one_letter_code
;MIDKSIMKKLLLTFLSIAAVCSLYAQRKVTQERMEQIYEEVKTPYKYGLAVAPTDNYHKIDCPTVFRQGDKWLMTYVVYN
GKTGTDGRGYETWIAESDNLLDWRTLGRVLSYRDGKWDCNQRGGFPALPDMEWGGSYELQTYKGRHWMTYIGGEGTGYEA
VKAPLFVGLASTKGDISTAHEWESLDKPILSIHDKDAQWWEKLTQYKSTVYWDKDKTLGAPFVMFYNAGGRHPETDLKGQ
RVGIALSKDMKTWKRYPGNPVFAHEADGTITGDAHIQKMGDVYVMFYFSAFEPSRKYKAFNTFAASYDLVNWTDWHGADL
IIPSKNYDELFAHKSYVIKHDGVVYHFYCAVNNAEQRGIAIATSKPMGRSAVRFPKPETKN
;
_entity_poly.pdbx_strand_id   A
#
loop_
_chem_comp.id
_chem_comp.type
_chem_comp.name
_chem_comp.formula
8OQ D-saccharide, alpha linking 'alpha-D-aceric acid' 'C6 H10 O6'
8PK L-saccharide, alpha linking 4-O-[(1R)-1-hydroxyethyl]-2-O-methyl-alpha-L-fucopyranose 'C9 H18 O6'
ARA L-saccharide, alpha linking alpha-L-arabinopyranose 'C5 H10 O5'
FUB L-saccharide, beta linking beta-L-arabinofuranose 'C5 H10 O5'
GAL D-saccharide, beta linking beta-D-galactopyranose 'C6 H12 O6'
RAM L-saccharide, alpha linking alpha-L-rhamnopyranose 'C6 H12 O5'
#
# COMPACT_ATOMS: atom_id res chain seq x y z
N LYS A 28 -13.67 -21.81 -0.04
CA LYS A 28 -13.10 -21.41 -1.37
C LYS A 28 -14.13 -20.64 -2.20
N VAL A 29 -13.71 -19.57 -2.85
CA VAL A 29 -14.58 -18.81 -3.76
C VAL A 29 -14.57 -19.57 -5.10
N THR A 30 -15.74 -19.79 -5.70
CA THR A 30 -15.80 -20.60 -6.94
C THR A 30 -15.08 -19.96 -8.10
N GLN A 31 -14.63 -20.78 -9.05
CA GLN A 31 -13.98 -20.27 -10.24
C GLN A 31 -14.87 -19.30 -11.02
N GLU A 32 -16.18 -19.59 -11.11
CA GLU A 32 -17.12 -18.68 -11.78
C GLU A 32 -17.25 -17.33 -11.08
N ARG A 33 -17.30 -17.32 -9.74
CA ARG A 33 -17.38 -16.06 -8.99
C ARG A 33 -16.09 -15.27 -9.22
N MET A 34 -14.94 -15.94 -9.20
CA MET A 34 -13.64 -15.27 -9.39
C MET A 34 -13.56 -14.63 -10.78
N GLU A 35 -14.09 -15.31 -11.79
CA GLU A 35 -14.14 -14.75 -13.17
C GLU A 35 -15.03 -13.52 -13.30
N GLN A 36 -16.12 -13.50 -12.56
CA GLN A 36 -16.96 -12.31 -12.43
C GLN A 36 -16.24 -11.13 -11.74
N ILE A 37 -15.51 -11.40 -10.67
CA ILE A 37 -14.75 -10.34 -9.99
C ILE A 37 -13.71 -9.77 -10.98
N TYR A 38 -12.98 -10.62 -11.68
CA TYR A 38 -12.02 -10.12 -12.70
C TYR A 38 -12.64 -9.15 -13.72
N GLU A 39 -13.80 -9.52 -14.26
CA GLU A 39 -14.45 -8.65 -15.25
C GLU A 39 -14.88 -7.31 -14.62
N GLU A 40 -15.26 -7.32 -13.33
CA GLU A 40 -15.64 -6.12 -12.63
C GLU A 40 -14.45 -5.17 -12.34
N VAL A 41 -13.27 -5.72 -12.02
CA VAL A 41 -12.11 -4.92 -11.55
C VAL A 41 -11.03 -4.58 -12.60
N LYS A 42 -11.08 -5.20 -13.78
CA LYS A 42 -9.96 -5.13 -14.72
C LYS A 42 -9.82 -3.73 -15.32
N THR A 43 -8.58 -3.35 -15.65
CA THR A 43 -8.26 -2.04 -16.20
C THR A 43 -7.23 -2.19 -17.34
N PRO A 44 -7.69 -2.44 -18.58
CA PRO A 44 -6.76 -2.65 -19.70
C PRO A 44 -5.99 -1.42 -20.22
N TYR A 45 -6.51 -0.22 -20.00
CA TYR A 45 -6.07 0.99 -20.69
C TYR A 45 -5.18 1.87 -19.79
N LYS A 46 -3.91 2.00 -20.13
CA LYS A 46 -2.98 2.79 -19.31
C LYS A 46 -2.99 4.30 -19.66
N TYR A 47 -3.34 5.11 -18.67
CA TYR A 47 -3.39 6.56 -18.82
C TYR A 47 -1.98 7.15 -18.86
N GLY A 48 -1.13 6.70 -17.94
CA GLY A 48 0.23 7.19 -17.80
C GLY A 48 0.48 7.69 -16.39
N LEU A 49 1.50 8.52 -16.24
CA LEU A 49 1.93 8.95 -14.89
C LEU A 49 0.97 9.96 -14.26
N ALA A 50 0.70 9.81 -12.96
CA ALA A 50 -0.09 10.76 -12.17
C ALA A 50 0.78 11.75 -11.38
N VAL A 51 1.78 11.21 -10.68
CA VAL A 51 2.72 11.96 -9.85
C VAL A 51 4.11 11.42 -10.16
N ALA A 52 5.01 12.29 -10.61
CA ALA A 52 6.35 11.90 -11.02
C ALA A 52 7.41 12.84 -10.40
N PRO A 53 8.59 12.31 -10.12
CA PRO A 53 9.69 13.17 -9.65
C PRO A 53 10.23 14.07 -10.77
N THR A 54 10.73 15.24 -10.40
CA THR A 54 11.21 16.26 -11.35
C THR A 54 12.71 16.19 -11.55
N ASP A 55 13.38 15.28 -10.83
CA ASP A 55 14.78 14.95 -11.07
C ASP A 55 15.01 13.48 -10.74
N ASN A 56 16.24 13.02 -10.96
CA ASN A 56 16.59 11.63 -10.68
C ASN A 56 16.99 11.32 -9.23
N TYR A 57 16.90 12.29 -8.34
CA TYR A 57 17.33 12.09 -6.92
C TYR A 57 16.14 12.04 -5.98
N HIS A 58 14.93 11.84 -6.54
CA HIS A 58 13.71 11.57 -5.74
C HIS A 58 12.96 10.39 -6.39
N LYS A 59 12.29 9.60 -5.56
CA LYS A 59 11.47 8.47 -6.00
C LYS A 59 10.11 8.54 -5.30
N ILE A 60 9.02 8.30 -6.03
CA ILE A 60 7.64 8.44 -5.50
C ILE A 60 6.90 7.10 -5.58
N ASP A 61 6.20 6.71 -4.52
CA ASP A 61 5.58 5.35 -4.40
C ASP A 61 4.38 5.40 -3.42
N CYS A 62 3.69 4.26 -3.29
CA CYS A 62 2.68 4.00 -2.24
C CYS A 62 1.46 4.94 -2.24
N PRO A 63 0.64 4.92 -3.30
CA PRO A 63 -0.54 5.79 -3.31
C PRO A 63 -1.68 5.29 -2.38
N THR A 64 -2.38 6.23 -1.74
CA THR A 64 -3.65 5.95 -1.05
C THR A 64 -4.63 7.05 -1.47
N VAL A 65 -5.77 6.70 -2.11
CA VAL A 65 -6.70 7.68 -2.66
C VAL A 65 -8.02 7.70 -1.88
N PHE A 66 -8.48 8.90 -1.55
CA PHE A 66 -9.73 9.07 -0.83
C PHE A 66 -10.40 10.40 -1.25
N ARG A 67 -11.62 10.63 -0.81
CA ARG A 67 -12.24 11.93 -1.10
C ARG A 67 -12.87 12.59 0.09
N GLN A 68 -12.88 13.92 0.03
CA GLN A 68 -13.60 14.76 0.98
C GLN A 68 -14.33 15.88 0.22
N GLY A 69 -15.66 15.88 0.31
CA GLY A 69 -16.52 16.84 -0.41
C GLY A 69 -16.26 16.91 -1.90
N ASP A 70 -15.64 18.01 -2.34
CA ASP A 70 -15.44 18.31 -3.77
C ASP A 70 -14.07 17.91 -4.33
N LYS A 71 -13.20 17.26 -3.51
CA LYS A 71 -11.83 16.98 -3.92
C LYS A 71 -11.53 15.52 -3.74
N TRP A 72 -10.79 14.98 -4.70
CA TRP A 72 -10.07 13.72 -4.51
C TRP A 72 -8.69 14.01 -3.90
N LEU A 73 -8.20 13.13 -3.03
CA LEU A 73 -6.92 13.30 -2.31
C LEU A 73 -6.06 12.04 -2.46
N MET A 74 -4.73 12.19 -2.54
CA MET A 74 -3.76 11.06 -2.58
C MET A 74 -2.59 11.37 -1.66
N THR A 75 -2.35 10.49 -0.69
CA THR A 75 -1.08 10.49 0.03
C THR A 75 -0.11 9.60 -0.73
N TYR A 76 1.18 9.92 -0.63
CA TYR A 76 2.24 9.17 -1.29
C TYR A 76 3.55 9.37 -0.55
N VAL A 77 4.49 8.47 -0.76
CA VAL A 77 5.79 8.56 -0.07
C VAL A 77 6.91 8.97 -1.05
N VAL A 78 7.88 9.69 -0.53
CA VAL A 78 9.02 10.19 -1.30
C VAL A 78 10.31 9.73 -0.60
N TYR A 79 11.19 9.09 -1.37
CA TYR A 79 12.58 8.81 -0.99
C TYR A 79 13.49 9.79 -1.71
N ASN A 80 14.37 10.44 -0.96
CA ASN A 80 15.17 11.57 -1.49
C ASN A 80 16.63 11.20 -1.85
N GLY A 81 16.75 10.12 -2.60
CA GLY A 81 18.00 9.68 -3.18
C GLY A 81 17.82 8.95 -4.50
N LYS A 82 18.94 8.72 -5.16
CA LYS A 82 19.00 7.94 -6.39
C LYS A 82 19.37 6.47 -6.16
N THR A 83 20.23 6.20 -5.18
CA THR A 83 20.72 4.84 -4.91
C THR A 83 20.12 4.35 -3.59
N GLY A 84 20.48 3.14 -3.21
CA GLY A 84 20.05 2.56 -1.93
C GLY A 84 20.57 3.20 -0.67
N THR A 85 21.63 4.01 -0.75
CA THR A 85 22.27 4.56 0.45
C THR A 85 22.43 6.08 0.50
N ASP A 86 22.11 6.82 -0.57
CA ASP A 86 22.36 8.27 -0.61
C ASP A 86 21.22 9.15 -0.05
N GLY A 87 20.01 8.63 0.07
CA GLY A 87 18.91 9.43 0.62
C GLY A 87 18.84 9.30 2.13
N ARG A 88 18.14 10.23 2.76
CA ARG A 88 17.84 10.14 4.20
C ARG A 88 16.80 9.03 4.51
N GLY A 89 15.74 8.98 3.70
CA GLY A 89 14.60 8.05 3.91
C GLY A 89 13.26 8.64 3.46
N TYR A 90 12.16 7.98 3.87
CA TYR A 90 10.80 8.36 3.48
C TYR A 90 10.27 9.57 4.23
N GLU A 91 9.59 10.44 3.49
CA GLU A 91 8.58 11.37 4.03
C GLU A 91 7.26 11.13 3.30
N THR A 92 6.16 11.58 3.90
CA THR A 92 4.81 11.44 3.31
C THR A 92 4.25 12.82 2.87
N TRP A 93 3.74 12.89 1.65
CA TRP A 93 3.17 14.06 1.03
C TRP A 93 1.72 13.82 0.66
N ILE A 94 1.03 14.90 0.29
CA ILE A 94 -0.37 14.83 -0.16
C ILE A 94 -0.59 15.67 -1.40
N ALA A 95 -1.44 15.17 -2.31
CA ALA A 95 -1.87 15.86 -3.54
C ALA A 95 -3.40 15.86 -3.70
N GLU A 96 -3.92 16.79 -4.50
CA GLU A 96 -5.38 16.93 -4.76
C GLU A 96 -5.70 16.87 -6.27
N SER A 97 -6.97 16.57 -6.59
CA SER A 97 -7.45 16.41 -7.96
C SER A 97 -8.97 16.61 -8.02
N ASP A 98 -9.42 17.13 -9.15
CA ASP A 98 -10.85 17.24 -9.43
C ASP A 98 -11.38 16.10 -10.28
N ASN A 99 -10.50 15.39 -11.01
CA ASN A 99 -10.94 14.36 -12.01
C ASN A 99 -10.27 12.98 -11.88
N LEU A 100 -9.53 12.74 -10.77
CA LEU A 100 -8.71 11.52 -10.51
C LEU A 100 -7.48 11.30 -11.40
N LEU A 101 -7.30 12.14 -12.41
CA LEU A 101 -6.30 11.95 -13.46
C LEU A 101 -5.16 12.97 -13.38
N ASP A 102 -5.52 14.24 -13.19
CA ASP A 102 -4.59 15.37 -13.08
C ASP A 102 -4.45 15.77 -11.61
N TRP A 103 -3.21 15.75 -11.11
CA TRP A 103 -2.91 15.88 -9.66
C TRP A 103 -1.99 17.08 -9.36
N ARG A 104 -2.23 17.76 -8.22
CA ARG A 104 -1.38 18.88 -7.79
C ARG A 104 -0.91 18.65 -6.39
N THR A 105 0.41 18.62 -6.19
CA THR A 105 0.97 18.40 -4.84
C THR A 105 0.79 19.65 -3.93
N LEU A 106 0.36 19.40 -2.69
CA LEU A 106 0.09 20.43 -1.69
C LEU A 106 1.25 20.63 -0.68
N GLY A 107 1.91 19.56 -0.29
CA GLY A 107 3.02 19.58 0.72
C GLY A 107 3.06 18.33 1.60
N ARG A 108 3.87 18.38 2.67
CA ARG A 108 4.09 17.25 3.56
C ARG A 108 2.97 17.06 4.59
N VAL A 109 2.67 15.80 4.91
CA VAL A 109 1.84 15.42 6.06
C VAL A 109 2.58 14.62 7.14
N LEU A 110 3.66 13.92 6.80
CA LEU A 110 4.60 13.34 7.84
C LEU A 110 6.03 13.64 7.45
N SER A 111 6.76 14.33 8.32
CA SER A 111 8.09 14.89 7.97
C SER A 111 9.11 14.21 8.88
N TYR A 112 10.38 14.32 8.51
CA TYR A 112 11.47 13.78 9.34
C TYR A 112 11.37 14.40 10.75
N ARG A 113 11.53 13.56 11.77
CA ARG A 113 11.14 13.89 13.14
C ARG A 113 12.37 13.71 14.05
N ASP A 114 13.20 14.75 14.12
CA ASP A 114 14.48 14.67 14.84
C ASP A 114 14.27 14.35 16.34
N GLY A 115 15.10 13.45 16.86
CA GLY A 115 15.07 13.07 18.26
C GLY A 115 14.18 11.90 18.65
N LYS A 116 13.47 11.32 17.68
CA LYS A 116 12.49 10.26 17.96
C LYS A 116 12.84 8.94 17.22
N TRP A 117 12.13 7.87 17.58
CA TRP A 117 12.39 6.51 17.08
C TRP A 117 12.23 6.39 15.53
N ASP A 118 11.47 7.31 14.96
CA ASP A 118 11.16 7.31 13.50
C ASP A 118 11.80 8.53 12.80
N CYS A 119 12.98 8.95 13.27
CA CYS A 119 13.57 10.19 12.75
C CYS A 119 13.82 10.24 11.25
N ASN A 120 14.26 9.11 10.65
CA ASN A 120 14.66 9.07 9.23
C ASN A 120 13.66 8.40 8.25
N GLN A 121 12.66 7.67 8.74
CA GLN A 121 11.68 6.94 7.88
C GLN A 121 10.29 7.20 8.38
N ARG A 122 9.46 7.82 7.54
CA ARG A 122 8.10 8.27 7.90
C ARG A 122 7.16 8.15 6.67
N GLY A 123 6.68 6.92 6.42
CA GLY A 123 5.97 6.56 5.18
C GLY A 123 4.56 6.06 5.49
N GLY A 124 3.57 6.92 5.28
CA GLY A 124 2.22 6.71 5.79
C GLY A 124 1.10 6.28 4.87
N PHE A 125 0.11 5.62 5.50
CA PHE A 125 -1.03 4.98 4.85
C PHE A 125 -2.27 5.30 5.65
N PRO A 126 -3.12 6.22 5.14
CA PRO A 126 -4.39 6.54 5.83
C PRO A 126 -5.24 5.32 6.23
N ALA A 127 -5.88 5.41 7.40
CA ALA A 127 -6.58 4.28 8.05
C ALA A 127 -8.11 4.47 8.03
N LEU A 128 -8.83 3.38 8.26
CA LEU A 128 -10.30 3.38 8.34
C LEU A 128 -11.02 3.85 7.07
N PRO A 129 -10.56 3.40 5.90
CA PRO A 129 -11.30 3.81 4.71
C PRO A 129 -12.72 3.16 4.65
N ASP A 130 -13.64 3.80 3.95
CA ASP A 130 -14.89 3.14 3.57
C ASP A 130 -14.50 2.04 2.56
N MET A 131 -14.73 0.79 2.96
CA MET A 131 -14.34 -0.39 2.17
C MET A 131 -15.29 -0.74 1.03
N GLU A 132 -16.43 -0.05 0.91
CA GLU A 132 -17.47 -0.42 -0.07
C GLU A 132 -16.96 -0.19 -1.50
N TRP A 133 -16.92 -1.25 -2.30
CA TRP A 133 -16.55 -1.15 -3.74
C TRP A 133 -17.53 -0.23 -4.45
N GLY A 134 -17.01 0.82 -5.09
CA GLY A 134 -17.84 1.84 -5.74
C GLY A 134 -18.60 2.73 -4.77
N GLY A 135 -18.18 2.78 -3.50
CA GLY A 135 -18.85 3.58 -2.48
C GLY A 135 -18.35 5.02 -2.40
N SER A 136 -18.40 5.57 -1.19
CA SER A 136 -18.08 7.01 -0.98
C SER A 136 -16.58 7.36 -1.07
N TYR A 137 -15.71 6.37 -0.81
CA TYR A 137 -14.25 6.53 -0.67
C TYR A 137 -13.82 7.57 0.38
N GLU A 138 -14.65 7.78 1.40
CA GLU A 138 -14.30 8.74 2.46
C GLU A 138 -13.57 8.03 3.55
N LEU A 139 -12.69 8.71 4.26
CA LEU A 139 -12.08 8.13 5.46
C LEU A 139 -13.04 8.32 6.63
N GLN A 140 -13.05 7.37 7.54
CA GLN A 140 -13.94 7.41 8.71
C GLN A 140 -13.22 7.98 9.94
N THR A 141 -13.98 8.54 10.88
CA THR A 141 -13.40 9.09 12.12
C THR A 141 -13.69 8.21 13.32
N TYR A 142 -12.80 8.26 14.30
CA TYR A 142 -12.95 7.51 15.55
C TYR A 142 -12.40 8.41 16.64
N LYS A 143 -13.18 8.57 17.71
CA LYS A 143 -12.95 9.56 18.76
C LYS A 143 -12.62 10.97 18.25
N GLY A 144 -13.33 11.41 17.22
CA GLY A 144 -13.18 12.77 16.71
C GLY A 144 -11.95 13.05 15.85
N ARG A 145 -11.18 12.00 15.51
CA ARG A 145 -9.94 12.14 14.75
C ARG A 145 -9.94 11.21 13.52
N HIS A 146 -9.16 11.59 12.53
CA HIS A 146 -8.76 10.71 11.42
C HIS A 146 -7.41 10.04 11.81
N TRP A 147 -7.14 8.85 11.26
CA TRP A 147 -6.02 7.97 11.70
C TRP A 147 -5.19 7.51 10.49
N MET A 148 -3.96 7.09 10.74
CA MET A 148 -3.00 6.69 9.68
C MET A 148 -1.99 5.78 10.32
N THR A 149 -1.61 4.70 9.66
CA THR A 149 -0.43 3.94 10.11
C THR A 149 0.76 4.26 9.21
N TYR A 150 1.98 3.89 9.66
CA TYR A 150 3.15 4.22 8.85
C TYR A 150 4.35 3.27 9.06
N ILE A 151 5.21 3.25 8.05
CA ILE A 151 6.52 2.60 8.11
C ILE A 151 7.48 3.60 8.80
N GLY A 152 8.03 3.21 9.96
CA GLY A 152 8.91 4.08 10.72
C GLY A 152 10.23 3.44 11.10
N GLY A 153 11.27 4.28 11.21
CA GLY A 153 12.60 3.78 11.55
C GLY A 153 13.66 4.85 11.65
N GLU A 154 14.80 4.43 12.21
CA GLU A 154 15.91 5.34 12.47
C GLU A 154 17.08 5.20 11.52
N GLY A 155 17.10 4.20 10.65
CA GLY A 155 18.21 4.04 9.68
C GLY A 155 18.03 4.95 8.48
N THR A 156 19.14 5.42 7.90
CA THR A 156 19.09 6.19 6.66
C THR A 156 19.06 5.24 5.42
N GLY A 157 19.08 5.80 4.21
CA GLY A 157 19.01 5.00 3.00
C GLY A 157 17.60 4.55 2.68
N TYR A 158 17.49 3.68 1.68
CA TYR A 158 16.19 3.19 1.20
C TYR A 158 15.67 2.05 2.13
N GLU A 159 14.55 2.31 2.75
CA GLU A 159 13.83 1.30 3.55
C GLU A 159 14.67 0.64 4.65
N ALA A 160 14.80 -0.71 4.69
CA ALA A 160 15.47 -1.39 5.80
C ALA A 160 16.95 -1.68 5.53
N VAL A 161 17.57 -0.97 4.60
CA VAL A 161 18.99 -1.16 4.27
C VAL A 161 19.94 -0.94 5.47
N LYS A 162 19.72 0.08 6.29
CA LYS A 162 20.59 0.35 7.47
C LYS A 162 20.03 -0.07 8.83
N ALA A 163 18.71 -0.17 8.98
CA ALA A 163 18.07 -0.59 10.25
C ALA A 163 16.67 -1.13 9.92
N PRO A 164 16.09 -2.00 10.78
CA PRO A 164 14.72 -2.48 10.50
C PRO A 164 13.63 -1.39 10.58
N LEU A 165 12.46 -1.68 10.01
CA LEU A 165 11.33 -0.76 10.02
C LEU A 165 10.22 -1.35 10.90
N PHE A 166 9.49 -0.51 11.63
CA PHE A 166 8.39 -0.93 12.52
C PHE A 166 7.12 -0.15 12.19
N VAL A 167 5.99 -0.60 12.74
CA VAL A 167 4.69 0.03 12.45
C VAL A 167 4.38 1.17 13.44
N GLY A 168 4.15 2.37 12.91
CA GLY A 168 3.78 3.56 13.68
C GLY A 168 2.33 3.94 13.54
N LEU A 169 1.83 4.74 14.51
CA LEU A 169 0.45 5.26 14.50
C LEU A 169 0.42 6.80 14.56
N ALA A 170 -0.36 7.40 13.67
CA ALA A 170 -0.54 8.83 13.65
C ALA A 170 -2.03 9.18 13.54
N SER A 171 -2.36 10.43 13.89
CA SER A 171 -3.75 10.89 13.83
C SER A 171 -3.82 12.41 13.72
N THR A 172 -4.99 12.92 13.35
CA THR A 172 -5.22 14.37 13.31
C THR A 172 -6.68 14.75 13.57
N LYS A 173 -6.87 15.93 14.16
CA LYS A 173 -8.16 16.62 14.24
C LYS A 173 -8.24 17.71 13.19
N GLY A 174 -7.21 17.85 12.35
CA GLY A 174 -7.18 18.86 11.29
C GLY A 174 -8.01 18.51 10.07
N ASP A 175 -7.98 19.41 9.10
CA ASP A 175 -8.63 19.20 7.79
C ASP A 175 -7.74 18.30 6.93
N ILE A 176 -8.21 17.08 6.68
CA ILE A 176 -7.41 16.08 5.94
C ILE A 176 -7.10 16.45 4.49
N SER A 177 -7.79 17.45 3.92
CA SER A 177 -7.48 17.95 2.60
C SER A 177 -6.38 19.03 2.58
N THR A 178 -5.78 19.34 3.75
CA THR A 178 -4.68 20.33 3.84
C THR A 178 -3.32 19.68 4.18
N ALA A 179 -2.23 20.27 3.66
CA ALA A 179 -0.87 19.82 3.98
C ALA A 179 -0.43 20.36 5.36
N HIS A 180 -0.62 19.55 6.38
CA HIS A 180 -0.23 19.86 7.77
C HIS A 180 0.29 18.56 8.39
N GLU A 181 1.12 18.70 9.41
CA GLU A 181 1.71 17.55 10.09
C GLU A 181 0.71 16.84 11.00
N TRP A 182 0.56 15.54 10.78
CA TRP A 182 -0.26 14.70 11.65
C TRP A 182 0.57 14.34 12.93
N GLU A 183 -0.12 14.10 14.05
CA GLU A 183 0.52 13.83 15.35
C GLU A 183 0.84 12.35 15.41
N SER A 184 1.93 11.96 16.05
CA SER A 184 2.26 10.55 16.11
C SER A 184 2.78 10.15 17.48
N LEU A 185 2.75 8.85 17.77
CA LEU A 185 3.20 8.35 19.06
C LEU A 185 4.71 8.25 19.15
N ASP A 186 5.21 8.34 20.39
CA ASP A 186 6.63 8.28 20.70
C ASP A 186 7.25 6.88 20.71
N LYS A 187 6.46 5.84 20.46
CA LYS A 187 6.97 4.49 20.21
C LYS A 187 6.14 3.80 19.11
N PRO A 188 6.67 2.75 18.46
CA PRO A 188 5.82 2.00 17.49
C PRO A 188 4.65 1.26 18.15
N ILE A 189 3.59 0.97 17.39
CA ILE A 189 2.48 0.13 17.88
C ILE A 189 2.74 -1.38 17.71
N LEU A 190 3.53 -1.76 16.71
CA LEU A 190 4.06 -3.14 16.54
C LEU A 190 5.52 -3.05 16.19
N SER A 191 6.31 -4.02 16.66
CA SER A 191 7.75 -4.07 16.44
C SER A 191 8.21 -5.52 16.30
N ILE A 192 9.31 -5.73 15.59
CA ILE A 192 9.96 -7.05 15.54
C ILE A 192 10.50 -7.55 16.89
N HIS A 193 10.71 -6.63 17.83
CA HIS A 193 11.26 -6.96 19.15
C HIS A 193 10.21 -7.26 20.21
N ASP A 194 8.93 -7.22 19.85
CA ASP A 194 7.83 -7.53 20.77
C ASP A 194 7.91 -9.01 21.26
N LYS A 195 7.53 -9.25 22.53
CA LYS A 195 7.52 -10.63 23.08
C LYS A 195 6.67 -11.59 22.23
N ASP A 196 5.53 -11.09 21.74
CA ASP A 196 4.60 -11.88 20.92
C ASP A 196 4.77 -11.74 19.39
N ALA A 197 5.91 -11.25 18.92
CA ALA A 197 6.21 -11.23 17.48
C ALA A 197 6.36 -12.66 16.93
N GLN A 198 5.91 -12.91 15.70
CA GLN A 198 5.85 -14.25 15.10
C GLN A 198 6.95 -14.44 14.03
N TRP A 199 7.21 -15.68 13.62
CA TRP A 199 8.33 -15.99 12.70
C TRP A 199 8.35 -15.18 11.37
N TRP A 200 7.16 -14.92 10.82
CA TRP A 200 6.99 -14.30 9.49
C TRP A 200 7.32 -12.77 9.50
N GLU A 201 7.53 -12.19 10.69
CA GLU A 201 7.78 -10.73 10.85
C GLU A 201 9.09 -10.39 11.62
N LYS A 202 10.00 -11.36 11.76
CA LYS A 202 11.15 -11.14 12.62
C LYS A 202 12.22 -10.25 12.01
N LEU A 203 12.31 -10.15 10.68
CA LEU A 203 13.37 -9.35 10.03
C LEU A 203 13.06 -7.85 9.94
N THR A 204 11.85 -7.51 9.54
CA THR A 204 11.39 -6.12 9.42
C THR A 204 9.91 -6.14 9.05
N GLN A 205 9.20 -5.05 9.37
CA GLN A 205 7.81 -4.89 8.97
C GLN A 205 7.76 -3.88 7.82
N TYR A 206 6.68 -3.93 7.03
CA TYR A 206 6.51 -3.05 5.89
C TYR A 206 5.15 -2.36 5.92
N LYS A 207 4.41 -2.32 4.80
CA LYS A 207 3.12 -1.61 4.75
C LYS A 207 2.04 -2.22 5.66
N SER A 208 1.23 -1.35 6.27
CA SER A 208 0.05 -1.75 7.04
C SER A 208 -1.15 -0.93 6.64
N THR A 209 -2.34 -1.52 6.75
CA THR A 209 -3.59 -0.76 6.65
C THR A 209 -4.55 -1.24 7.74
N VAL A 210 -5.21 -0.31 8.40
CA VAL A 210 -6.23 -0.64 9.43
C VAL A 210 -7.67 -0.38 8.93
N TYR A 211 -8.53 -1.39 9.09
CA TYR A 211 -9.94 -1.36 8.68
C TYR A 211 -10.83 -1.40 9.93
N TRP A 212 -11.99 -0.72 9.86
N TRP A 212 -11.97 -0.69 9.85
CA TRP A 212 -13.02 -0.76 10.89
CA TRP A 212 -13.05 -0.77 10.84
C TRP A 212 -14.04 -1.81 10.46
C TRP A 212 -14.01 -1.85 10.40
N ASP A 213 -14.02 -2.96 11.12
CA ASP A 213 -14.95 -4.07 10.86
C ASP A 213 -16.09 -3.96 11.88
N LYS A 214 -17.19 -3.36 11.44
CA LYS A 214 -18.39 -3.21 12.26
C LYS A 214 -18.93 -4.57 12.76
N ASP A 215 -18.79 -5.61 11.95
CA ASP A 215 -19.23 -6.97 12.37
C ASP A 215 -18.34 -7.72 13.39
N LYS A 216 -17.13 -7.23 13.68
CA LYS A 216 -16.22 -7.93 14.61
C LYS A 216 -16.04 -9.42 14.24
N THR A 217 -15.86 -9.66 12.94
CA THR A 217 -15.61 -10.99 12.33
C THR A 217 -14.50 -11.80 13.01
N LEU A 218 -13.43 -11.12 13.42
CA LEU A 218 -12.31 -11.76 14.12
C LEU A 218 -12.25 -11.41 15.62
N GLY A 219 -13.35 -10.92 16.19
CA GLY A 219 -13.45 -10.61 17.61
C GLY A 219 -12.95 -9.23 18.02
N ALA A 220 -12.85 -8.30 17.07
CA ALA A 220 -12.38 -6.94 17.40
C ALA A 220 -12.80 -5.95 16.32
N PRO A 221 -13.05 -4.68 16.68
CA PRO A 221 -13.50 -3.68 15.73
C PRO A 221 -12.41 -3.24 14.73
N PHE A 222 -11.14 -3.26 15.14
CA PHE A 222 -10.02 -2.78 14.28
C PHE A 222 -9.15 -3.95 13.82
N VAL A 223 -9.06 -4.10 12.49
CA VAL A 223 -8.34 -5.18 11.86
C VAL A 223 -7.24 -4.64 10.94
N MET A 224 -5.98 -4.95 11.26
CA MET A 224 -4.82 -4.56 10.45
C MET A 224 -4.33 -5.72 9.56
N PHE A 225 -4.19 -5.44 8.26
CA PHE A 225 -3.44 -6.29 7.33
C PHE A 225 -2.09 -5.65 7.09
N TYR A 226 -1.02 -6.43 7.26
CA TYR A 226 0.35 -5.89 7.05
C TYR A 226 1.28 -6.94 6.49
N ASN A 227 2.30 -6.51 5.75
CA ASN A 227 3.30 -7.48 5.26
C ASN A 227 4.62 -7.26 5.97
N ALA A 228 5.43 -8.31 6.03
CA ALA A 228 6.67 -8.32 6.77
C ALA A 228 7.59 -9.39 6.22
N GLY A 229 8.86 -9.31 6.64
CA GLY A 229 9.90 -10.27 6.21
C GLY A 229 10.34 -11.23 7.32
N GLY A 230 10.65 -12.48 6.90
CA GLY A 230 10.97 -13.57 7.82
C GLY A 230 11.39 -14.83 7.07
N ARG A 231 11.93 -15.81 7.80
CA ARG A 231 12.23 -17.13 7.17
C ARG A 231 11.30 -18.26 7.63
N HIS A 232 10.88 -19.07 6.67
CA HIS A 232 9.89 -20.16 6.92
C HIS A 232 10.57 -21.21 7.83
N PRO A 233 9.86 -21.64 8.88
CA PRO A 233 10.50 -22.55 9.86
C PRO A 233 10.72 -23.98 9.36
N GLU A 234 9.96 -24.41 8.36
CA GLU A 234 10.20 -25.70 7.66
C GLU A 234 11.31 -25.66 6.63
N THR A 235 11.22 -24.76 5.66
CA THR A 235 12.12 -24.70 4.50
C THR A 235 13.32 -23.75 4.62
N ASP A 236 13.35 -22.93 5.68
CA ASP A 236 14.36 -21.86 5.83
C ASP A 236 14.38 -20.78 4.71
N LEU A 237 13.34 -20.73 3.87
CA LEU A 237 13.29 -19.75 2.75
C LEU A 237 12.86 -18.36 3.27
N LYS A 238 13.65 -17.34 2.94
CA LYS A 238 13.30 -15.93 3.19
C LYS A 238 12.17 -15.45 2.21
N GLY A 239 11.30 -14.55 2.69
CA GLY A 239 10.28 -13.94 1.81
C GLY A 239 9.49 -12.84 2.54
N GLN A 240 8.59 -12.20 1.83
CA GLN A 240 7.59 -11.34 2.45
C GLN A 240 6.19 -11.93 2.35
N ARG A 241 5.45 -11.89 3.46
CA ARG A 241 4.14 -12.48 3.58
C ARG A 241 3.17 -11.53 4.27
N VAL A 242 1.86 -11.85 4.23
CA VAL A 242 0.78 -11.01 4.73
C VAL A 242 0.12 -11.67 5.95
N GLY A 243 -0.08 -10.86 6.98
CA GLY A 243 -0.77 -11.27 8.22
C GLY A 243 -1.67 -10.22 8.81
N ILE A 244 -2.31 -10.61 9.92
CA ILE A 244 -3.32 -9.83 10.59
C ILE A 244 -2.95 -9.49 12.07
N ALA A 245 -3.25 -8.27 12.50
CA ALA A 245 -3.30 -7.92 13.92
C ALA A 245 -4.61 -7.24 14.28
N LEU A 246 -4.98 -7.29 15.56
CA LEU A 246 -6.31 -6.95 16.03
C LEU A 246 -6.24 -6.00 17.23
N SER A 247 -7.17 -5.04 17.29
CA SER A 247 -7.28 -4.09 18.41
C SER A 247 -8.71 -3.63 18.74
N LYS A 248 -8.94 -3.31 20.03
CA LYS A 248 -10.19 -2.71 20.51
C LYS A 248 -10.13 -1.17 20.54
N ASP A 249 -8.93 -0.59 20.54
CA ASP A 249 -8.77 0.85 20.82
C ASP A 249 -7.78 1.64 19.93
N MET A 250 -7.17 0.99 18.93
CA MET A 250 -6.13 1.56 18.01
C MET A 250 -4.71 1.64 18.63
N LYS A 251 -4.58 1.40 19.94
CA LYS A 251 -3.31 1.57 20.67
C LYS A 251 -2.63 0.26 21.02
N THR A 252 -3.39 -0.68 21.60
CA THR A 252 -2.86 -2.03 21.92
C THR A 252 -3.31 -3.07 20.87
N TRP A 253 -2.36 -3.90 20.43
CA TRP A 253 -2.52 -4.83 19.30
C TRP A 253 -2.09 -6.24 19.68
N LYS A 254 -2.87 -7.24 19.25
CA LYS A 254 -2.50 -8.66 19.35
C LYS A 254 -2.37 -9.21 17.94
N ARG A 255 -1.33 -9.99 17.68
CA ARG A 255 -1.28 -10.77 16.43
C ARG A 255 -2.36 -11.85 16.34
N TYR A 256 -2.91 -12.06 15.15
CA TYR A 256 -3.79 -13.20 14.88
C TYR A 256 -2.97 -14.51 15.02
N PRO A 257 -3.45 -15.47 15.85
CA PRO A 257 -2.67 -16.71 16.08
C PRO A 257 -2.43 -17.60 14.87
N GLY A 258 -3.27 -17.50 13.84
CA GLY A 258 -3.08 -18.24 12.59
C GLY A 258 -2.23 -17.59 11.48
N ASN A 259 -1.44 -16.57 11.82
CA ASN A 259 -0.60 -15.89 10.83
C ASN A 259 0.53 -16.81 10.31
N PRO A 260 1.00 -16.62 9.06
CA PRO A 260 0.50 -15.60 8.11
C PRO A 260 -0.71 -16.14 7.40
N VAL A 261 -1.58 -15.25 6.93
CA VAL A 261 -2.79 -15.66 6.24
C VAL A 261 -2.66 -15.77 4.71
N PHE A 262 -1.58 -15.23 4.12
CA PHE A 262 -1.46 -15.20 2.66
C PHE A 262 0.02 -15.08 2.26
N ALA A 263 0.49 -16.06 1.48
CA ALA A 263 1.91 -16.16 1.14
C ALA A 263 2.10 -17.01 -0.12
N HIS A 264 3.19 -16.76 -0.84
CA HIS A 264 3.61 -17.58 -1.97
C HIS A 264 5.03 -18.04 -1.68
N GLU A 265 5.21 -19.35 -1.52
CA GLU A 265 6.46 -19.90 -0.99
C GLU A 265 7.40 -20.31 -2.10
N ALA A 266 8.36 -19.44 -2.39
CA ALA A 266 9.54 -19.76 -3.22
C ALA A 266 10.60 -18.78 -2.78
N ASP A 267 11.86 -19.13 -3.01
CA ASP A 267 12.96 -18.38 -2.44
C ASP A 267 12.99 -16.88 -2.79
N GLY A 268 12.85 -16.04 -1.77
CA GLY A 268 12.87 -14.58 -1.95
C GLY A 268 11.63 -13.96 -2.58
N THR A 269 10.53 -14.71 -2.74
CA THR A 269 9.29 -14.18 -3.30
C THR A 269 8.63 -13.22 -2.32
N ILE A 270 8.11 -12.11 -2.87
CA ILE A 270 7.44 -11.04 -2.12
C ILE A 270 5.94 -11.08 -2.44
N THR A 271 5.13 -11.16 -1.40
CA THR A 271 3.70 -10.90 -1.47
C THR A 271 3.40 -9.74 -0.51
N GLY A 272 2.78 -8.68 -1.02
CA GLY A 272 2.67 -7.46 -0.27
C GLY A 272 1.61 -6.45 -0.61
N ASP A 273 1.63 -5.37 0.19
CA ASP A 273 0.75 -4.18 0.08
C ASP A 273 -0.71 -4.57 -0.18
N ALA A 274 -1.28 -5.32 0.78
CA ALA A 274 -2.68 -5.74 0.73
C ALA A 274 -3.61 -4.50 0.83
N HIS A 275 -4.63 -4.47 -0.04
CA HIS A 275 -5.62 -3.39 -0.16
C HIS A 275 -6.97 -4.09 -0.35
N ILE A 276 -7.86 -3.98 0.63
CA ILE A 276 -9.09 -4.80 0.71
C ILE A 276 -10.34 -3.96 0.52
N GLN A 277 -11.22 -4.44 -0.39
CA GLN A 277 -12.56 -3.81 -0.59
C GLN A 277 -13.63 -4.88 -0.49
N LYS A 278 -14.84 -4.46 -0.11
CA LYS A 278 -15.98 -5.35 0.04
C LYS A 278 -16.94 -5.18 -1.13
N MET A 279 -17.21 -6.29 -1.82
CA MET A 279 -18.06 -6.32 -3.02
C MET A 279 -19.18 -7.29 -2.70
N GLY A 280 -20.28 -6.72 -2.21
CA GLY A 280 -21.42 -7.51 -1.71
C GLY A 280 -21.02 -8.32 -0.49
N ASP A 281 -21.08 -9.65 -0.62
CA ASP A 281 -20.72 -10.57 0.45
C ASP A 281 -19.28 -11.10 0.39
N VAL A 282 -18.48 -10.65 -0.58
CA VAL A 282 -17.09 -11.15 -0.72
C VAL A 282 -16.09 -10.01 -0.51
N TYR A 283 -14.99 -10.33 0.17
CA TYR A 283 -13.85 -9.39 0.29
C TYR A 283 -12.85 -9.66 -0.85
N VAL A 284 -12.36 -8.58 -1.47
CA VAL A 284 -11.40 -8.67 -2.54
C VAL A 284 -10.10 -8.01 -2.08
N MET A 285 -8.99 -8.78 -2.10
CA MET A 285 -7.68 -8.26 -1.77
C MET A 285 -6.91 -8.00 -3.06
N PHE A 286 -6.63 -6.74 -3.35
CA PHE A 286 -5.67 -6.34 -4.37
C PHE A 286 -4.27 -6.37 -3.72
N TYR A 287 -3.32 -7.04 -4.36
CA TYR A 287 -1.96 -7.17 -3.81
C TYR A 287 -0.93 -7.20 -4.95
N PHE A 288 0.35 -7.03 -4.60
CA PHE A 288 1.41 -7.20 -5.57
C PHE A 288 2.29 -8.38 -5.17
N SER A 289 2.94 -8.94 -6.18
CA SER A 289 4.01 -9.90 -5.95
C SER A 289 5.23 -9.54 -6.79
N ALA A 290 6.41 -9.90 -6.30
CA ALA A 290 7.64 -9.73 -7.02
C ALA A 290 8.53 -10.98 -6.86
N PHE A 291 9.33 -11.26 -7.89
CA PHE A 291 10.31 -12.40 -7.86
C PHE A 291 9.61 -13.74 -7.70
N GLU A 292 8.47 -13.85 -8.37
CA GLU A 292 7.67 -15.07 -8.43
C GLU A 292 8.16 -15.87 -9.65
N PRO A 293 8.65 -17.12 -9.43
CA PRO A 293 9.28 -17.81 -10.58
C PRO A 293 8.35 -18.17 -11.74
N SER A 294 7.05 -18.25 -11.50
CA SER A 294 6.09 -18.58 -12.56
C SER A 294 5.72 -17.41 -13.50
N ARG A 295 6.31 -16.20 -13.30
CA ARG A 295 6.12 -15.06 -14.19
C ARG A 295 7.47 -14.63 -14.79
N LYS A 296 7.50 -14.25 -16.07
CA LYS A 296 8.73 -13.72 -16.70
C LYS A 296 9.11 -12.34 -16.16
N TYR A 297 8.10 -11.50 -16.03
CA TYR A 297 8.28 -10.13 -15.53
C TYR A 297 8.48 -10.16 -13.98
N LYS A 298 9.16 -9.15 -13.48
CA LYS A 298 9.66 -9.17 -12.11
C LYS A 298 8.69 -8.71 -11.01
N ALA A 299 7.71 -7.87 -11.32
CA ALA A 299 6.69 -7.47 -10.32
C ALA A 299 5.41 -7.09 -11.03
N PHE A 300 4.28 -7.33 -10.37
CA PHE A 300 2.95 -7.25 -11.01
C PHE A 300 1.86 -7.16 -9.94
N ASN A 301 0.64 -6.79 -10.37
CA ASN A 301 -0.53 -6.76 -9.49
C ASN A 301 -1.57 -7.80 -9.93
N THR A 302 -2.21 -8.39 -8.95
CA THR A 302 -3.33 -9.34 -9.13
C THR A 302 -4.25 -9.26 -7.90
N PHE A 303 -5.17 -10.23 -7.73
CA PHE A 303 -6.08 -10.18 -6.62
C PHE A 303 -6.39 -11.56 -6.05
N ALA A 304 -6.92 -11.57 -4.80
CA ALA A 304 -7.48 -12.77 -4.17
C ALA A 304 -8.82 -12.42 -3.56
N ALA A 305 -9.60 -13.45 -3.22
CA ALA A 305 -10.90 -13.25 -2.59
C ALA A 305 -11.17 -14.22 -1.39
N SER A 306 -12.07 -13.78 -0.52
CA SER A 306 -12.37 -14.46 0.73
C SER A 306 -13.77 -14.09 1.22
N TYR A 307 -14.45 -15.07 1.84
CA TYR A 307 -15.68 -14.78 2.64
C TYR A 307 -15.42 -14.45 4.12
N ASP A 308 -14.26 -14.84 4.67
CA ASP A 308 -14.02 -14.80 6.13
C ASP A 308 -12.75 -14.05 6.63
N LEU A 309 -12.03 -13.38 5.71
CA LEU A 309 -10.77 -12.62 5.99
C LEU A 309 -9.50 -13.41 6.23
N VAL A 310 -9.61 -14.73 6.36
CA VAL A 310 -8.48 -15.59 6.76
C VAL A 310 -8.08 -16.57 5.65
N ASN A 311 -9.06 -17.16 4.97
CA ASN A 311 -8.82 -18.15 3.92
C ASN A 311 -9.04 -17.49 2.54
N TRP A 312 -7.96 -17.35 1.79
CA TRP A 312 -7.94 -16.57 0.54
C TRP A 312 -7.80 -17.46 -0.68
N THR A 313 -8.64 -17.23 -1.69
CA THR A 313 -8.57 -17.92 -2.99
C THR A 313 -7.87 -17.00 -4.01
N ASP A 314 -6.79 -17.49 -4.61
CA ASP A 314 -5.97 -16.66 -5.52
C ASP A 314 -6.55 -16.68 -6.95
N TRP A 315 -6.52 -15.54 -7.65
CA TRP A 315 -6.97 -15.47 -9.05
C TRP A 315 -6.15 -16.40 -9.96
N HIS A 316 -6.83 -17.15 -10.81
CA HIS A 316 -6.25 -18.20 -11.68
C HIS A 316 -5.92 -17.74 -13.13
N GLY A 317 -6.13 -16.47 -13.43
CA GLY A 317 -6.08 -15.97 -14.80
C GLY A 317 -5.02 -14.89 -14.94
N ALA A 318 -5.18 -14.06 -15.98
CA ALA A 318 -4.19 -13.03 -16.32
C ALA A 318 -4.02 -11.99 -15.21
N ASP A 319 -2.77 -11.55 -14.98
CA ASP A 319 -2.52 -10.52 -13.96
C ASP A 319 -3.20 -9.15 -14.31
N LEU A 320 -3.53 -8.35 -13.28
CA LEU A 320 -4.27 -7.08 -13.49
C LEU A 320 -3.42 -5.95 -14.10
N ILE A 321 -2.19 -5.81 -13.62
CA ILE A 321 -1.22 -4.82 -14.11
C ILE A 321 0.14 -5.54 -14.25
N ILE A 322 0.76 -5.43 -15.43
CA ILE A 322 2.10 -5.96 -15.66
C ILE A 322 2.95 -4.93 -16.44
N PRO A 323 4.29 -5.09 -16.44
CA PRO A 323 5.13 -4.20 -17.26
C PRO A 323 4.77 -4.26 -18.76
N SER A 324 4.50 -3.10 -19.37
CA SER A 324 4.20 -3.03 -20.80
C SER A 324 4.60 -1.80 -21.56
N LYS A 325 4.96 -0.72 -20.87
CA LYS A 325 5.32 0.56 -21.46
C LYS A 325 6.71 0.93 -21.01
N ASN A 326 7.29 1.91 -21.70
CA ASN A 326 8.60 2.47 -21.36
C ASN A 326 8.71 2.81 -19.86
N TYR A 327 7.70 3.52 -19.34
CA TYR A 327 7.76 4.02 -17.97
C TYR A 327 7.54 2.96 -16.85
N ASP A 328 6.97 1.78 -17.19
CA ASP A 328 6.79 0.66 -16.19
C ASP A 328 7.47 -0.66 -16.58
N GLU A 329 8.52 -0.56 -17.38
CA GLU A 329 9.14 -1.69 -18.03
C GLU A 329 9.82 -2.68 -17.10
N LEU A 330 10.21 -2.25 -15.90
CA LEU A 330 10.81 -3.13 -14.90
C LEU A 330 9.78 -3.66 -13.89
N PHE A 331 9.10 -2.75 -13.19
CA PHE A 331 8.11 -3.13 -12.19
C PHE A 331 6.83 -2.35 -12.47
N ALA A 332 5.69 -3.02 -12.36
CA ALA A 332 4.37 -2.39 -12.40
C ALA A 332 3.55 -2.99 -11.26
N HIS A 333 3.52 -2.28 -10.15
CA HIS A 333 3.26 -2.88 -8.85
C HIS A 333 2.79 -1.94 -7.77
N LYS A 334 2.07 -2.52 -6.80
CA LYS A 334 1.44 -1.84 -5.68
C LYS A 334 0.10 -1.23 -6.15
N SER A 335 -0.94 -1.28 -5.31
CA SER A 335 -2.32 -1.02 -5.79
C SER A 335 -3.12 -0.08 -4.89
N TYR A 336 -3.85 0.83 -5.50
CA TYR A 336 -5.02 1.41 -4.86
C TYR A 336 -6.08 1.51 -5.97
N VAL A 337 -7.29 1.04 -5.72
CA VAL A 337 -8.33 0.93 -6.76
C VAL A 337 -9.63 1.69 -6.39
N ILE A 338 -10.09 2.58 -7.27
CA ILE A 338 -11.27 3.42 -7.08
C ILE A 338 -12.25 3.07 -8.22
N LYS A 339 -13.48 2.67 -7.90
CA LYS A 339 -14.57 2.64 -8.89
C LYS A 339 -15.46 3.87 -8.67
N HIS A 340 -15.61 4.67 -9.72
CA HIS A 340 -16.40 5.93 -9.64
C HIS A 340 -17.09 6.23 -10.96
N ASP A 341 -18.40 6.48 -10.91
CA ASP A 341 -19.23 6.79 -12.08
C ASP A 341 -19.00 5.82 -13.26
N GLY A 342 -19.02 4.53 -12.96
CA GLY A 342 -18.88 3.50 -14.00
C GLY A 342 -17.50 3.24 -14.62
N VAL A 343 -16.45 3.78 -14.00
CA VAL A 343 -15.07 3.62 -14.46
C VAL A 343 -14.22 3.15 -13.28
N VAL A 344 -13.36 2.17 -13.50
CA VAL A 344 -12.36 1.73 -12.52
C VAL A 344 -11.03 2.45 -12.83
N TYR A 345 -10.39 2.95 -11.76
CA TYR A 345 -9.09 3.57 -11.78
C TYR A 345 -8.15 2.77 -10.86
N HIS A 346 -7.08 2.20 -11.43
CA HIS A 346 -6.11 1.41 -10.69
C HIS A 346 -4.78 2.19 -10.63
N PHE A 347 -4.45 2.69 -9.43
CA PHE A 347 -3.22 3.49 -9.16
C PHE A 347 -2.12 2.47 -8.80
N TYR A 348 -0.93 2.66 -9.36
CA TYR A 348 0.20 1.74 -9.13
C TYR A 348 1.53 2.47 -9.24
N CYS A 349 2.59 1.81 -8.74
CA CYS A 349 3.95 2.34 -8.80
C CYS A 349 4.67 1.77 -10.03
N ALA A 350 5.07 2.69 -10.92
CA ALA A 350 5.77 2.40 -12.15
C ALA A 350 7.27 2.60 -11.97
N VAL A 351 8.06 1.58 -12.31
CA VAL A 351 9.54 1.65 -12.27
C VAL A 351 10.11 1.20 -13.62
N ASN A 352 11.05 1.95 -14.18
CA ASN A 352 11.64 1.59 -15.47
C ASN A 352 13.05 0.99 -15.30
N ASN A 353 13.76 0.71 -16.41
CA ASN A 353 15.10 0.05 -16.34
C ASN A 353 16.19 0.97 -15.80
N ALA A 354 15.99 2.29 -15.93
CA ALA A 354 16.82 3.29 -15.24
C ALA A 354 16.54 3.43 -13.72
N GLU A 355 15.54 2.70 -13.22
CA GLU A 355 15.11 2.73 -11.83
C GLU A 355 14.47 4.06 -11.40
N GLN A 356 13.96 4.81 -12.38
CA GLN A 356 13.11 5.98 -12.11
C GLN A 356 11.77 5.42 -11.60
N ARG A 357 11.19 6.10 -10.62
CA ARG A 357 10.03 5.56 -9.86
C ARG A 357 8.97 6.64 -9.59
N GLY A 358 7.73 6.35 -9.96
CA GLY A 358 6.57 7.25 -9.81
C GLY A 358 5.25 6.52 -9.74
N ILE A 359 4.13 7.28 -9.69
CA ILE A 359 2.76 6.71 -9.62
C ILE A 359 2.04 6.89 -10.94
N ALA A 360 1.43 5.81 -11.43
CA ALA A 360 0.71 5.79 -12.72
C ALA A 360 -0.71 5.24 -12.53
N ILE A 361 -1.53 5.31 -13.57
CA ILE A 361 -2.94 4.98 -13.50
C ILE A 361 -3.35 4.15 -14.73
N ALA A 362 -4.16 3.12 -14.50
CA ALA A 362 -4.83 2.38 -15.57
C ALA A 362 -6.33 2.42 -15.34
N THR A 363 -7.10 2.37 -16.43
CA THR A 363 -8.54 2.51 -16.37
C THR A 363 -9.30 1.41 -17.17
N SER A 364 -10.57 1.23 -16.82
CA SER A 364 -11.43 0.24 -17.47
C SER A 364 -11.88 0.64 -18.90
N LYS A 365 -11.89 1.95 -19.20
CA LYS A 365 -12.10 2.44 -20.58
C LYS A 365 -11.09 3.57 -20.83
N PRO A 366 -10.80 3.87 -22.12
CA PRO A 366 -9.87 4.95 -22.43
C PRO A 366 -10.34 6.29 -21.87
N MET A 367 -9.45 6.99 -21.15
CA MET A 367 -9.75 8.31 -20.55
C MET A 367 -8.72 9.36 -20.99
N GLY A 368 -8.06 9.17 -22.13
CA GLY A 368 -7.03 10.06 -22.57
C GLY A 368 -5.64 9.57 -22.24
N ARG A 369 -4.65 10.47 -22.28
CA ARG A 369 -3.27 10.13 -22.04
C ARG A 369 -2.62 11.22 -21.18
N SER A 370 -1.83 10.83 -20.18
CA SER A 370 -1.10 11.79 -19.33
C SER A 370 -0.03 12.57 -20.11
N ALA A 371 0.11 13.86 -19.76
CA ALA A 371 1.17 14.73 -20.25
C ALA A 371 2.46 14.67 -19.39
N VAL A 372 2.36 14.02 -18.23
CA VAL A 372 3.50 13.92 -17.27
C VAL A 372 4.54 12.93 -17.81
N ARG A 373 5.83 13.26 -17.66
CA ARG A 373 6.92 12.41 -18.10
C ARG A 373 7.92 12.32 -16.97
N PHE A 374 8.70 11.22 -16.91
CA PHE A 374 9.92 11.14 -16.10
C PHE A 374 10.94 12.13 -16.71
N PRO A 375 11.89 12.64 -15.92
CA PRO A 375 13.05 13.36 -16.50
C PRO A 375 13.90 12.45 -17.39
N LYS A 376 14.78 13.04 -18.21
CA LYS A 376 15.74 12.23 -18.94
C LYS A 376 16.57 11.38 -17.96
N PRO A 377 16.73 10.06 -18.24
CA PRO A 377 17.56 9.26 -17.32
C PRO A 377 19.05 9.61 -17.39
N GLU A 378 19.78 9.37 -16.31
CA GLU A 378 21.23 9.49 -16.28
C GLU A 378 21.92 8.39 -17.08
N THR A 379 23.00 8.70 -17.78
CA THR A 379 23.78 7.70 -18.54
C THR A 379 24.52 6.75 -17.59
C1 RAM B . 23.13 -4.25 1.55
C2 RAM B . 21.92 -4.92 0.90
C3 RAM B . 21.67 -6.28 1.55
C4 RAM B . 21.54 -6.14 3.07
C5 RAM B . 22.79 -5.47 3.64
C6 RAM B . 22.66 -5.25 5.14
O1 RAM B . 24.29 -4.99 1.19
O2 RAM B . 20.74 -4.11 1.02
O3 RAM B . 20.67 -6.88 0.90
O4 RAM B . 21.31 -7.43 3.67
O5 RAM B . 22.97 -4.20 2.98
O32 8OQ B . 17.91 -10.83 2.01
C31 8OQ B . 18.92 -10.07 1.88
O6 8OQ B . 19.35 -9.38 2.85
C3 8OQ B . 19.59 -9.97 0.51
O3 8OQ B . 19.00 -10.93 -0.39
C4 8OQ B . 21.14 -10.08 0.57
C5 8OQ B . 21.78 -11.25 -0.18
O4 8OQ B . 21.68 -8.85 0.04
C1 8OQ B . 20.65 -7.87 -0.13
C2 8OQ B . 19.30 -8.59 -0.06
O2 8OQ B . 18.09 -7.95 -0.18
C1 GAL B . 16.85 -8.36 -0.80
C2 GAL B . 15.62 -7.69 -0.17
C3 GAL B . 14.36 -8.01 -0.99
C4 GAL B . 14.58 -7.64 -2.46
C5 GAL B . 15.78 -8.47 -2.92
C6 GAL B . 16.02 -8.36 -4.42
O2 GAL B . 15.56 -7.96 1.15
O3 GAL B . 13.26 -7.25 -0.45
O4 GAL B . 14.86 -6.32 -2.65
O5 GAL B . 16.93 -8.04 -2.19
O6 GAL B . 17.39 -8.62 -4.67
C1 ARA B . 13.79 -5.50 -3.15
C2 ARA B . 13.86 -4.10 -2.53
C3 ARA B . 14.91 -3.23 -3.25
C4 ARA B . 14.65 -3.28 -4.75
C5 ARA B . 14.72 -4.71 -5.26
O2 ARA B . 12.56 -3.46 -2.52
O3 ARA B . 16.15 -3.72 -2.92
O4 ARA B . 15.62 -2.47 -5.43
O5 ARA B . 13.78 -5.54 -4.59
C1 RAM B . 11.33 -3.85 -2.12
C2 RAM B . 10.51 -2.57 -1.93
C3 RAM B . 10.41 -1.81 -3.25
C4 RAM B . 9.78 -2.71 -4.33
C5 RAM B . 10.54 -4.05 -4.43
C6 RAM B . 9.83 -5.06 -5.32
O2 RAM B . 9.30 -2.90 -1.37
O3 RAM B . 9.63 -0.62 -3.02
O4 RAM B . 9.74 -2.02 -5.60
O5 RAM B . 10.72 -4.67 -3.14
O5 FUB B . 5.29 -0.57 -0.65
C5 FUB B . 6.17 -0.40 0.48
C4 FUB B . 7.05 -1.61 0.85
O4 FUB B . 8.37 -1.51 0.29
C3 FUB B . 6.55 -2.97 0.46
O3 FUB B . 5.56 -3.48 1.38
C2 FUB B . 7.85 -3.79 0.48
O2 FUB B . 7.79 -4.98 -0.33
C1 FUB B . 8.94 -2.80 0.03
C1 RAM B . 16.84 -3.81 -1.62
C2 RAM B . 18.05 -4.75 -1.66
C3 RAM B . 19.25 -4.22 -2.46
C4 RAM B . 19.54 -2.75 -2.13
C5 RAM B . 18.25 -1.90 -2.11
C6 RAM B . 18.54 -0.47 -1.65
O2 RAM B . 18.47 -4.98 -0.31
O3 RAM B . 20.36 -5.09 -2.19
O4 RAM B . 20.36 -2.17 -3.15
O5 RAM B . 17.22 -2.47 -1.28
O9 8PK B . 18.20 -6.73 6.87
C8 8PK B . 16.79 -6.75 6.72
C10 8PK B . 16.15 -5.77 7.72
O4 8PK B . 16.43 -6.42 5.37
C4 8PK B . 16.96 -7.30 4.35
C5 8PK B . 17.19 -6.47 3.08
C6 8PK B . 17.99 -5.20 3.41
O5 8PK B . 15.96 -6.07 2.44
C3 8PK B . 16.01 -8.46 4.04
O3 8PK B . 15.76 -9.23 5.22
C2 8PK B . 14.70 -7.92 3.46
O2 8PK B . 13.76 -8.99 3.19
C7 8PK B . 12.76 -9.18 4.21
C1 8PK B . 15.02 -7.11 2.18
#